data_3NZ6
#
_entry.id   3NZ6
#
_cell.length_a   37.113
_cell.length_b   42.768
_cell.length_c   60.756
_cell.angle_alpha   90.00
_cell.angle_beta   94.39
_cell.angle_gamma   90.00
#
_symmetry.space_group_name_H-M   'P 1 21 1'
#
loop_
_entity.id
_entity.type
_entity.pdbx_description
1 polymer 'Dihydrofolate reductase'
2 non-polymer '6-{3-[(2,4-diamino-5-methylpyrido[2,3-d]pyrimidin-6-yl)methyl]-4-methoxyphenoxy}hexanoic acid'
3 non-polymer 'NADPH DIHYDRO-NICOTINAMIDE-ADENINE-DINUCLEOTIDE PHOSPHATE'
4 water water
#
_entity_poly.entity_id   1
_entity_poly.type   'polypeptide(L)'
_entity_poly.pdbx_seq_one_letter_code
;MNQQKSLTLIVALTTSYGIGRSNSLPWKLKKEISYFKRVTSFVPTFDSFESMNVVLMGRKTWESIPLQFRPLKGRINVVI
TRNESLDLGNGIHSAKSLDHALELLYRTYGSESSVQINRIFVIGGAQLYKAAMDHPKLDRIMATIIYKDIHCDVFFPLKF
RDKEWSSVWKKEKHSDLESWVGTKVPHGKINEDGFDYEFEMWTRDL
;
_entity_poly.pdbx_strand_id   X
#
loop_
_chem_comp.id
_chem_comp.type
_chem_comp.name
_chem_comp.formula
D2J non-polymer '6-{3-[(2,4-diamino-5-methylpyrido[2,3-d]pyrimidin-6-yl)methyl]-4-methoxyphenoxy}hexanoic acid' 'C22 H27 N5 O4'
NDP non-polymer 'NADPH DIHYDRO-NICOTINAMIDE-ADENINE-DINUCLEOTIDE PHOSPHATE' 'C21 H30 N7 O17 P3'
#
# COMPACT_ATOMS: atom_id res chain seq x y z
N MET A 1 -23.27 6.39 -0.55
CA MET A 1 -22.32 5.62 -1.44
C MET A 1 -20.89 6.15 -1.29
N ASN A 2 -20.08 5.55 -0.40
CA ASN A 2 -18.70 6.02 -0.13
C ASN A 2 -18.03 5.24 1.01
N GLN A 3 -18.81 4.52 1.82
CA GLN A 3 -18.26 3.78 2.98
C GLN A 3 -17.92 2.32 2.69
N GLN A 4 -18.18 1.89 1.46
CA GLN A 4 -18.15 0.46 1.16
C GLN A 4 -16.78 -0.13 1.65
N LYS A 5 -15.69 0.19 0.98
CA LYS A 5 -14.49 -0.62 1.15
C LYS A 5 -13.62 -0.18 2.31
N SER A 6 -13.08 -1.18 2.97
CA SER A 6 -11.95 -1.05 3.84
C SER A 6 -10.74 -0.57 3.03
N LEU A 7 -9.84 0.14 3.67
CA LEU A 7 -8.55 0.43 3.06
C LEU A 7 -7.51 -0.54 3.60
N THR A 8 -6.54 -0.91 2.77
CA THR A 8 -5.34 -1.66 3.23
C THR A 8 -4.10 -0.82 2.96
N LEU A 9 -3.19 -0.77 3.92
CA LEU A 9 -1.91 -0.02 3.74
C LEU A 9 -0.83 -1.03 3.47
N ILE A 10 0.10 -0.80 2.53
CA ILE A 10 1.17 -1.78 2.34
C ILE A 10 2.47 -1.05 2.41
N VAL A 11 3.41 -1.61 3.16
CA VAL A 11 4.61 -0.85 3.53
C VAL A 11 5.74 -1.84 3.79
N ALA A 12 6.98 -1.41 3.55
CA ALA A 12 8.19 -2.09 3.99
C ALA A 12 8.94 -1.14 4.92
N LEU A 13 9.39 -1.63 6.07
CA LEU A 13 9.89 -0.74 7.10
C LEU A 13 10.91 -1.45 7.97
N THR A 14 11.87 -0.72 8.52
CA THR A 14 12.84 -1.34 9.45
C THR A 14 12.23 -1.41 10.83
N THR A 15 12.89 -2.12 11.75
CA THR A 15 12.34 -2.29 13.09
C THR A 15 12.35 -0.96 13.87
N SER A 16 13.02 0.08 13.35
CA SER A 16 12.88 1.46 13.90
C SER A 16 11.92 2.27 13.06
N TYR A 17 11.13 1.54 12.24
CA TYR A 17 10.04 2.16 11.47
C TYR A 17 10.52 3.02 10.32
N GLY A 18 11.77 2.90 9.92
CA GLY A 18 12.30 3.70 8.78
C GLY A 18 11.80 3.14 7.48
N ILE A 19 11.35 4.03 6.57
CA ILE A 19 10.77 3.60 5.27
C ILE A 19 11.38 4.25 3.99
N GLY A 20 12.25 5.24 4.16
CA GLY A 20 12.65 6.05 3.01
C GLY A 20 13.93 6.79 3.34
N ARG A 21 14.71 7.20 2.31
CA ARG A 21 15.99 7.94 2.52
C ARG A 21 16.17 9.14 1.61
N SER A 22 16.28 8.99 0.31
CA SER A 22 16.41 10.26 -0.44
C SER A 22 15.34 10.38 -1.51
N ASN A 23 14.10 10.61 -1.07
CA ASN A 23 12.92 10.23 -1.89
C ASN A 23 13.15 8.87 -2.60
N SER A 24 13.81 7.94 -1.91
CA SER A 24 13.89 6.57 -2.41
C SER A 24 13.81 5.54 -1.29
N LEU A 25 13.86 4.26 -1.69
CA LEU A 25 13.87 3.13 -0.79
C LEU A 25 15.29 2.87 -0.41
N PRO A 26 15.57 2.76 0.91
CA PRO A 26 16.94 2.50 1.42
C PRO A 26 17.49 1.08 1.09
N TRP A 27 16.78 0.27 0.33
CA TRP A 27 17.26 -1.09 0.06
C TRP A 27 16.96 -1.37 -1.39
N LYS A 28 17.43 -2.52 -1.91
CA LYS A 28 17.02 -2.99 -3.24
C LYS A 28 16.65 -4.44 -3.08
N LEU A 29 15.36 -4.76 -3.20
CA LEU A 29 14.86 -6.04 -2.78
C LEU A 29 13.89 -6.59 -3.86
N LYS A 30 14.49 -7.18 -4.88
CA LYS A 30 13.76 -7.70 -6.00
C LYS A 30 12.56 -8.55 -5.59
N LYS A 31 12.74 -9.49 -4.68
CA LYS A 31 11.65 -10.35 -4.17
C LYS A 31 10.54 -9.61 -3.42
N GLU A 32 10.95 -8.69 -2.55
CA GLU A 32 10.08 -7.83 -1.82
C GLU A 32 9.20 -7.03 -2.79
N ILE A 33 9.81 -6.33 -3.74
CA ILE A 33 9.06 -5.67 -4.80
C ILE A 33 8.11 -6.66 -5.46
N SER A 34 8.57 -7.88 -5.68
CA SER A 34 7.73 -8.84 -6.37
C SER A 34 6.48 -9.18 -5.51
N TYR A 35 6.65 -9.23 -4.21
CA TYR A 35 5.51 -9.44 -3.31
C TYR A 35 4.55 -8.25 -3.37
N PHE A 36 5.14 -7.06 -3.30
CA PHE A 36 4.36 -5.83 -3.40
C PHE A 36 3.48 -5.85 -4.64
N LYS A 37 4.08 -6.17 -5.78
CA LYS A 37 3.35 -6.21 -7.05
C LYS A 37 2.24 -7.28 -7.04
N ARG A 38 2.59 -8.47 -6.59
CA ARG A 38 1.64 -9.55 -6.50
C ARG A 38 0.48 -9.26 -5.52
N VAL A 39 0.79 -8.73 -4.32
CA VAL A 39 -0.31 -8.38 -3.39
C VAL A 39 -1.21 -7.29 -3.93
N THR A 40 -0.56 -6.22 -4.37
CA THR A 40 -1.21 -5.04 -4.91
C THR A 40 -2.06 -5.34 -6.19
N SER A 41 -1.73 -6.42 -6.91
CA SER A 41 -2.31 -6.82 -8.22
C SER A 41 -3.36 -7.93 -8.17
N PHE A 42 -3.33 -8.76 -7.14
CA PHE A 42 -4.18 -9.96 -7.07
C PHE A 42 -5.66 -9.63 -7.00
N VAL A 43 -6.43 -10.29 -7.86
CA VAL A 43 -7.87 -10.19 -7.87
C VAL A 43 -8.41 -11.62 -8.00
N PRO A 44 -9.32 -12.05 -7.11
CA PRO A 44 -9.75 -13.44 -7.33
C PRO A 44 -10.25 -13.69 -8.77
N THR A 45 -9.88 -14.88 -9.27
CA THR A 45 -10.10 -15.32 -10.66
C THR A 45 -11.51 -14.99 -11.20
N PHE A 46 -12.54 -15.30 -10.41
CA PHE A 46 -13.91 -15.09 -10.87
C PHE A 46 -14.21 -13.60 -11.16
N ASP A 47 -13.55 -12.76 -10.36
CA ASP A 47 -13.62 -11.30 -10.44
C ASP A 47 -12.60 -10.72 -11.43
N SER A 48 -11.56 -11.49 -11.79
CA SER A 48 -10.47 -10.98 -12.67
C SER A 48 -10.80 -10.66 -14.16
N PHE A 49 -12.05 -10.96 -14.53
CA PHE A 49 -12.63 -10.56 -15.80
C PHE A 49 -12.80 -9.05 -15.92
N GLU A 50 -13.43 -8.47 -14.89
CA GLU A 50 -13.80 -7.04 -14.86
C GLU A 50 -13.05 -6.21 -13.77
N SER A 51 -12.70 -6.82 -12.64
CA SER A 51 -12.14 -6.08 -11.49
C SER A 51 -10.63 -5.74 -11.49
N MET A 52 -10.31 -4.51 -11.08
CA MET A 52 -8.94 -4.06 -10.88
C MET A 52 -8.78 -3.59 -9.43
N ASN A 53 -7.61 -3.79 -8.84
CA ASN A 53 -7.30 -3.06 -7.61
C ASN A 53 -6.80 -1.63 -7.85
N VAL A 54 -6.90 -0.84 -6.79
CA VAL A 54 -6.49 0.55 -6.75
C VAL A 54 -5.25 0.73 -5.87
N VAL A 55 -4.30 1.52 -6.36
CA VAL A 55 -3.16 1.92 -5.55
C VAL A 55 -3.17 3.44 -5.39
N LEU A 56 -3.21 3.87 -4.13
CA LEU A 56 -3.24 5.28 -3.78
C LEU A 56 -1.87 5.64 -3.28
N MET A 57 -1.31 6.73 -3.78
CA MET A 57 0.02 7.12 -3.37
C MET A 57 0.21 8.64 -3.29
N GLY A 58 1.06 9.06 -2.36
CA GLY A 58 1.47 10.46 -2.27
C GLY A 58 2.27 10.89 -3.50
N ARG A 59 2.32 12.20 -3.70
CA ARG A 59 2.91 12.77 -4.89
C ARG A 59 4.39 12.47 -4.89
N LYS A 60 5.05 12.58 -3.73
CA LYS A 60 6.50 12.32 -3.70
C LYS A 60 6.83 10.83 -4.05
N THR A 61 5.96 9.91 -3.62
CA THR A 61 6.03 8.49 -4.05
C THR A 61 5.85 8.29 -5.54
N TRP A 62 4.97 9.06 -6.16
CA TRP A 62 4.77 8.94 -7.57
C TRP A 62 6.12 9.27 -8.28
N GLU A 63 6.73 10.36 -7.87
CA GLU A 63 7.93 10.83 -8.53
C GLU A 63 9.08 9.85 -8.29
N SER A 64 9.07 9.23 -7.13
CA SER A 64 10.20 8.44 -6.70
C SER A 64 10.16 7.03 -7.29
N ILE A 65 9.16 6.73 -8.13
CA ILE A 65 9.08 5.42 -8.76
C ILE A 65 9.70 5.54 -10.15
N PRO A 66 10.66 4.66 -10.48
CA PRO A 66 11.33 4.86 -11.77
C PRO A 66 10.34 5.05 -12.88
N LEU A 67 10.62 6.04 -13.70
CA LEU A 67 9.69 6.48 -14.71
C LEU A 67 9.21 5.28 -15.51
N GLN A 68 10.08 4.30 -15.79
CA GLN A 68 9.63 3.15 -16.60
C GLN A 68 8.57 2.25 -15.95
N PHE A 69 8.39 2.39 -14.64
CA PHE A 69 7.44 1.56 -13.90
C PHE A 69 6.06 2.25 -13.59
N ARG A 70 5.93 3.49 -14.06
CA ARG A 70 4.75 4.34 -13.92
C ARG A 70 3.93 4.37 -15.19
N PRO A 71 2.59 4.26 -15.07
CA PRO A 71 1.84 3.97 -13.83
C PRO A 71 2.04 2.51 -13.42
N LEU A 72 1.74 2.16 -12.17
CA LEU A 72 1.89 0.77 -11.79
C LEU A 72 0.86 -0.02 -12.57
N LYS A 73 1.41 -0.96 -13.33
CA LYS A 73 0.69 -1.69 -14.38
C LYS A 73 -0.35 -2.53 -13.78
N GLY A 74 -1.54 -2.51 -14.37
CA GLY A 74 -2.57 -3.49 -14.01
C GLY A 74 -3.33 -3.16 -12.77
N ARG A 75 -3.10 -1.95 -12.27
CA ARG A 75 -3.77 -1.32 -11.08
C ARG A 75 -4.17 0.14 -11.38
N ILE A 76 -5.32 0.55 -10.87
CA ILE A 76 -5.79 1.93 -11.07
C ILE A 76 -4.98 2.77 -10.13
N ASN A 77 -4.22 3.69 -10.71
CA ASN A 77 -3.32 4.53 -9.95
C ASN A 77 -4.02 5.86 -9.64
N VAL A 78 -3.86 6.33 -8.41
CA VAL A 78 -4.33 7.64 -8.05
C VAL A 78 -3.26 8.30 -7.25
N VAL A 79 -2.87 9.50 -7.66
CA VAL A 79 -1.88 10.26 -6.92
C VAL A 79 -2.52 11.35 -6.09
N ILE A 80 -2.22 11.35 -4.78
CA ILE A 80 -2.76 12.33 -3.86
C ILE A 80 -1.84 13.56 -3.85
N THR A 81 -2.40 14.73 -4.17
CA THR A 81 -1.70 16.01 -4.27
C THR A 81 -2.71 17.18 -4.22
N ARG A 82 -2.41 18.21 -3.43
CA ARG A 82 -3.21 19.45 -3.42
C ARG A 82 -3.29 20.26 -4.73
N ASN A 83 -2.20 20.31 -5.48
CA ASN A 83 -2.24 20.80 -6.87
C ASN A 83 -3.44 20.26 -7.71
N GLU A 84 -3.22 20.94 -8.20
CA GLU A 84 -4.37 20.60 -8.97
C GLU A 84 -3.74 20.29 -10.29
N SER A 85 -3.09 19.10 -10.31
CA SER A 85 -2.09 18.80 -11.33
C SER A 85 -2.68 19.15 -12.71
N LEU A 86 -1.84 19.52 -13.69
CA LEU A 86 -0.35 19.55 -13.64
C LEU A 86 0.39 18.18 -13.55
N ASP A 87 -0.22 17.18 -12.88
CA ASP A 87 0.41 15.87 -12.80
C ASP A 87 1.58 15.88 -13.81
N LEU A 88 1.35 16.57 -14.92
CA LEU A 88 1.81 16.18 -16.27
C LEU A 88 0.53 15.43 -16.58
N GLY A 89 -0.32 16.08 -17.36
CA GLY A 89 -1.76 15.76 -17.41
C GLY A 89 -2.19 14.60 -18.29
N ASN A 90 -2.42 14.24 -18.40
CA ASN A 90 -1.81 13.00 -18.89
C ASN A 90 -2.54 11.68 -18.55
N GLY A 91 -3.77 11.79 -18.05
CA GLY A 91 -4.59 10.59 -17.83
C GLY A 91 -4.23 9.71 -16.63
N ILE A 92 -3.49 10.27 -15.69
CA ILE A 92 -3.20 9.62 -14.41
C ILE A 92 -4.10 10.29 -13.39
N HIS A 93 -5.05 9.51 -12.83
CA HIS A 93 -5.98 10.06 -11.85
C HIS A 93 -5.25 10.87 -10.75
N SER A 94 -5.90 11.90 -10.27
CA SER A 94 -5.33 12.83 -9.32
C SER A 94 -6.41 13.26 -8.26
N ALA A 95 -6.05 13.44 -7.00
CA ALA A 95 -7.00 13.94 -5.98
C ALA A 95 -6.26 14.59 -4.81
N LYS A 96 -6.95 15.50 -4.11
CA LYS A 96 -6.27 16.28 -3.04
C LYS A 96 -6.39 15.69 -1.69
N SER A 97 -7.06 14.56 -1.59
CA SER A 97 -7.05 13.92 -0.32
C SER A 97 -7.47 12.46 -0.49
N LEU A 98 -7.23 11.67 0.55
CA LEU A 98 -7.62 10.29 0.58
C LEU A 98 -9.15 10.19 0.34
N ASP A 99 -9.99 10.99 1.02
CA ASP A 99 -11.43 10.90 0.72
C ASP A 99 -11.85 11.45 -0.65
N HIS A 100 -11.14 12.45 -1.16
CA HIS A 100 -11.43 12.94 -2.50
C HIS A 100 -11.04 11.92 -3.54
N ALA A 101 -9.97 11.15 -3.28
CA ALA A 101 -9.68 10.00 -4.14
C ALA A 101 -10.78 8.96 -4.18
N LEU A 102 -11.38 8.64 -3.02
CA LEU A 102 -12.36 7.58 -2.98
C LEU A 102 -13.58 7.99 -3.74
N GLU A 103 -14.02 9.23 -3.48
CA GLU A 103 -15.15 9.82 -4.17
C GLU A 103 -14.96 9.78 -5.70
N LEU A 104 -13.79 10.18 -6.16
CA LEU A 104 -13.44 10.10 -7.58
C LEU A 104 -13.54 8.65 -8.13
N LEU A 105 -13.09 7.67 -7.36
CA LEU A 105 -13.06 6.30 -7.85
C LEU A 105 -14.49 5.75 -7.96
N TYR A 106 -15.37 6.11 -7.04
CA TYR A 106 -16.74 5.66 -7.06
C TYR A 106 -17.54 6.31 -8.19
N ARG A 107 -17.39 7.61 -8.34
CA ARG A 107 -17.92 8.29 -9.53
C ARG A 107 -17.43 7.73 -10.85
N THR A 108 -16.12 7.50 -10.94
CA THR A 108 -15.49 7.04 -12.16
C THR A 108 -15.76 5.56 -12.40
N TYR A 109 -15.72 4.72 -11.36
CA TYR A 109 -15.78 3.24 -11.52
C TYR A 109 -17.05 2.63 -10.90
N GLY A 110 -18.19 3.04 -11.43
CA GLY A 110 -19.46 2.73 -10.78
C GLY A 110 -20.16 1.61 -11.50
N SER A 111 -21.11 0.96 -10.82
CA SER A 111 -21.89 -0.20 -11.33
C SER A 111 -21.92 -0.27 -12.84
N GLU A 112 -22.11 0.92 -13.43
CA GLU A 112 -22.24 1.16 -14.84
C GLU A 112 -20.98 0.79 -15.62
N SER A 113 -19.87 1.47 -15.28
CA SER A 113 -18.50 1.30 -15.84
C SER A 113 -17.98 -0.11 -16.17
N SER A 114 -17.09 -0.17 -17.15
CA SER A 114 -16.55 -1.42 -17.66
C SER A 114 -15.66 -2.06 -16.60
N VAL A 115 -14.83 -1.22 -15.99
CA VAL A 115 -13.92 -1.68 -14.96
C VAL A 115 -14.55 -1.54 -13.59
N GLN A 116 -14.27 -2.52 -12.74
CA GLN A 116 -14.81 -2.58 -11.41
C GLN A 116 -13.63 -2.59 -10.41
N ILE A 117 -13.80 -1.93 -9.28
CA ILE A 117 -12.70 -1.82 -8.32
C ILE A 117 -12.81 -3.05 -7.44
N ASN A 118 -11.69 -3.71 -7.17
CA ASN A 118 -11.70 -4.82 -6.20
C ASN A 118 -11.21 -4.38 -4.81
N ARG A 119 -9.91 -4.27 -4.59
CA ARG A 119 -9.43 -3.75 -3.29
C ARG A 119 -8.72 -2.44 -3.50
N ILE A 120 -8.64 -1.64 -2.43
CA ILE A 120 -7.96 -0.34 -2.44
C ILE A 120 -6.75 -0.35 -1.48
N PHE A 121 -5.59 0.02 -2.02
CA PHE A 121 -4.35 0.01 -1.29
C PHE A 121 -3.84 1.41 -1.17
N VAL A 122 -3.35 1.76 0.02
CA VAL A 122 -2.40 2.91 0.21
C VAL A 122 -1.00 2.39 0.20
N ILE A 123 -0.19 2.88 -0.74
CA ILE A 123 1.13 2.30 -0.92
C ILE A 123 2.15 3.28 -0.54
N GLY A 124 1.69 4.36 0.07
CA GLY A 124 2.71 5.25 0.58
C GLY A 124 2.85 6.67 0.14
N GLY A 125 3.99 7.16 0.63
CA GLY A 125 4.14 8.40 1.23
C GLY A 125 4.05 8.21 2.73
N ALA A 126 5.06 8.67 3.51
CA ALA A 126 4.83 8.85 4.96
C ALA A 126 3.66 9.80 5.26
N GLN A 127 3.51 10.89 4.48
CA GLN A 127 2.36 11.75 4.68
C GLN A 127 1.00 11.10 4.43
N LEU A 128 0.94 10.31 3.35
CA LEU A 128 -0.28 9.61 3.00
C LEU A 128 -0.60 8.45 4.01
N TYR A 129 0.46 7.76 4.47
CA TYR A 129 0.28 6.77 5.52
C TYR A 129 -0.29 7.41 6.77
N LYS A 130 0.17 8.62 7.11
CA LYS A 130 -0.33 9.35 8.27
C LYS A 130 -1.82 9.58 8.16
N ALA A 131 -2.26 10.09 7.00
CA ALA A 131 -3.71 10.25 6.70
C ALA A 131 -4.43 8.91 6.70
N ALA A 132 -3.83 7.89 6.12
CA ALA A 132 -4.47 6.56 6.20
C ALA A 132 -4.64 5.94 7.63
N MET A 133 -3.65 6.13 8.50
CA MET A 133 -3.72 5.64 9.88
C MET A 133 -4.83 6.35 10.68
N ASP A 134 -5.12 7.60 10.30
CA ASP A 134 -6.27 8.35 10.83
C ASP A 134 -7.63 8.00 10.19
N HIS A 135 -7.65 7.34 9.04
CA HIS A 135 -8.91 7.13 8.32
C HIS A 135 -9.70 5.95 8.94
N PRO A 136 -11.04 6.10 9.09
CA PRO A 136 -11.72 5.04 9.82
C PRO A 136 -12.08 3.85 8.94
N LYS A 137 -11.66 3.85 7.68
CA LYS A 137 -11.83 2.63 6.89
C LYS A 137 -10.56 1.77 6.80
N LEU A 138 -9.43 2.29 7.32
CA LEU A 138 -8.14 1.53 7.34
C LEU A 138 -8.15 0.42 8.39
N ASP A 139 -8.14 -0.85 7.98
CA ASP A 139 -8.26 -1.95 8.95
C ASP A 139 -7.13 -2.98 8.80
N ARG A 140 -6.20 -2.72 7.90
CA ARG A 140 -5.24 -3.73 7.53
C ARG A 140 -3.91 -3.13 7.07
N ILE A 141 -2.80 -3.73 7.54
CA ILE A 141 -1.44 -3.31 7.16
C ILE A 141 -0.67 -4.54 6.73
N MET A 142 -0.19 -4.51 5.50
CA MET A 142 0.61 -5.61 4.99
C MET A 142 2.03 -5.08 5.19
N ALA A 143 2.73 -5.60 6.21
CA ALA A 143 4.02 -5.03 6.55
C ALA A 143 5.10 -6.00 6.23
N THR A 144 6.16 -5.49 5.62
CA THR A 144 7.42 -6.22 5.49
C THR A 144 8.41 -5.63 6.47
N ILE A 145 8.84 -6.47 7.39
CA ILE A 145 9.67 -6.06 8.50
C ILE A 145 11.12 -6.32 8.14
N ILE A 146 11.95 -5.28 8.16
CA ILE A 146 13.35 -5.41 7.72
C ILE A 146 14.18 -5.38 8.99
N TYR A 147 14.83 -6.49 9.24
CA TYR A 147 15.61 -6.62 10.48
C TYR A 147 16.98 -5.99 10.32
N LYS A 148 16.98 -4.68 10.09
CA LYS A 148 18.24 -3.93 10.11
C LYS A 148 17.90 -2.47 10.25
N ASP A 149 18.68 -1.78 11.07
CA ASP A 149 18.49 -0.36 11.35
C ASP A 149 19.13 0.52 10.27
N ILE A 150 18.83 0.22 9.03
CA ILE A 150 19.30 0.98 7.90
C ILE A 150 18.96 2.46 8.15
N HIS A 151 19.93 3.36 8.02
CA HIS A 151 19.67 4.78 8.18
C HIS A 151 18.58 5.28 7.23
N CYS A 152 17.63 6.04 7.80
CA CYS A 152 16.49 6.49 7.04
C CYS A 152 16.32 7.92 7.38
N ASP A 153 15.70 8.68 6.49
CA ASP A 153 15.30 10.06 6.81
C ASP A 153 13.76 10.26 6.83
N VAL A 154 13.01 9.20 6.55
CA VAL A 154 11.54 9.31 6.56
C VAL A 154 10.97 8.09 7.30
N PHE A 155 10.02 8.33 8.20
CA PHE A 155 9.56 7.27 9.10
C PHE A 155 8.08 6.98 9.02
N PHE A 156 7.71 5.72 9.21
CA PHE A 156 6.31 5.37 9.37
C PHE A 156 5.78 6.08 10.62
N PRO A 157 4.60 6.70 10.49
CA PRO A 157 4.21 7.67 11.53
C PRO A 157 3.58 7.09 12.78
N LEU A 158 3.36 5.78 12.84
CA LEU A 158 2.65 5.20 14.00
C LEU A 158 3.31 3.84 14.30
N LYS A 159 3.73 3.62 15.56
CA LYS A 159 4.45 2.40 15.89
C LYS A 159 3.57 1.21 16.11
N PHE A 160 2.87 0.82 15.06
CA PHE A 160 1.76 -0.11 15.14
C PHE A 160 2.17 -1.51 15.67
N ARG A 161 3.47 -1.80 15.76
CA ARG A 161 3.97 -3.14 16.16
C ARG A 161 4.47 -3.14 17.63
N ASP A 162 4.43 -1.93 18.21
CA ASP A 162 4.82 -1.65 19.60
C ASP A 162 3.70 -1.89 20.60
N LYS A 163 4.10 -2.09 21.84
CA LYS A 163 3.19 -2.48 22.95
C LYS A 163 2.07 -1.41 23.15
N GLU A 164 2.42 -0.14 22.99
CA GLU A 164 1.41 0.87 23.26
C GLU A 164 0.21 0.80 22.29
N TRP A 165 0.36 0.15 21.12
CA TRP A 165 -0.68 -0.01 20.14
C TRP A 165 -1.18 -1.46 19.99
N SER A 166 -0.75 -2.33 20.91
CA SER A 166 -1.04 -3.75 20.80
C SER A 166 -2.48 -4.15 21.13
N SER A 167 -3.31 -3.26 21.67
CA SER A 167 -4.67 -3.69 21.88
C SER A 167 -5.47 -3.30 20.66
N VAL A 168 -4.91 -2.46 19.80
CA VAL A 168 -5.63 -2.00 18.60
C VAL A 168 -5.16 -2.78 17.38
N TRP A 169 -3.85 -2.94 17.25
CA TRP A 169 -3.26 -3.62 16.09
C TRP A 169 -2.77 -5.01 16.51
N LYS A 170 -3.14 -6.03 15.72
CA LYS A 170 -2.98 -7.44 16.05
C LYS A 170 -2.36 -8.06 14.84
N LYS A 171 -1.40 -8.95 15.05
CA LYS A 171 -0.66 -9.50 13.94
C LYS A 171 -1.33 -10.85 13.66
N GLU A 172 -1.62 -11.14 12.40
CA GLU A 172 -2.38 -12.32 11.99
C GLU A 172 -1.52 -13.54 11.70
N LYS A 173 -2.07 -14.74 11.93
CA LYS A 173 -1.45 -16.03 11.56
C LYS A 173 -1.05 -15.91 10.10
N HIS A 174 0.11 -16.48 9.74
CA HIS A 174 0.63 -16.53 8.36
C HIS A 174 -0.36 -17.17 7.38
N SER A 175 -1.03 -18.25 7.82
CA SER A 175 -2.09 -18.84 6.97
C SER A 175 -3.22 -17.85 6.68
N ASP A 176 -3.51 -16.95 7.60
CA ASP A 176 -4.48 -15.89 7.29
C ASP A 176 -3.98 -14.86 6.26
N LEU A 177 -2.70 -14.58 6.29
CA LEU A 177 -2.04 -13.75 5.30
C LEU A 177 -2.15 -14.40 3.93
N GLU A 178 -1.59 -15.59 3.81
CA GLU A 178 -1.68 -16.33 2.54
C GLU A 178 -3.09 -16.39 2.01
N SER A 179 -4.03 -16.66 2.89
CA SER A 179 -5.43 -16.68 2.55
C SER A 179 -5.97 -15.34 2.06
N TRP A 180 -5.43 -14.23 2.58
CA TRP A 180 -5.93 -12.90 2.23
C TRP A 180 -5.27 -12.50 0.90
N VAL A 181 -4.03 -12.92 0.72
CA VAL A 181 -3.18 -12.54 -0.38
C VAL A 181 -3.39 -13.53 -1.53
N GLY A 182 -4.28 -14.50 -1.32
CA GLY A 182 -4.57 -15.51 -2.32
C GLY A 182 -3.41 -16.40 -2.81
N THR A 183 -2.24 -16.32 -2.19
CA THR A 183 -1.17 -17.18 -2.61
C THR A 183 -0.34 -17.64 -1.44
N LYS A 184 0.41 -18.72 -1.64
CA LYS A 184 1.38 -19.14 -0.65
C LYS A 184 2.48 -18.09 -0.63
N VAL A 185 2.96 -17.82 0.57
CA VAL A 185 3.84 -16.70 0.77
C VAL A 185 4.88 -17.26 1.65
N PRO A 186 6.12 -16.86 1.41
CA PRO A 186 7.21 -17.24 2.28
C PRO A 186 6.90 -16.94 3.76
N HIS A 187 7.16 -17.91 4.65
CA HIS A 187 6.96 -17.77 6.09
C HIS A 187 8.32 -17.72 6.74
N GLY A 188 8.60 -16.68 7.51
CA GLY A 188 9.88 -16.60 8.19
C GLY A 188 10.83 -15.66 7.47
N LYS A 189 12.07 -15.66 7.93
CA LYS A 189 13.08 -14.69 7.50
C LYS A 189 13.61 -15.00 6.11
N ILE A 190 13.72 -13.96 5.31
CA ILE A 190 14.13 -14.07 3.92
C ILE A 190 15.34 -13.15 3.82
N ASN A 191 16.34 -13.57 3.07
CA ASN A 191 17.58 -12.82 2.97
C ASN A 191 17.93 -12.53 1.51
N GLU A 192 17.70 -11.30 1.08
CA GLU A 192 18.24 -10.77 -0.18
C GLU A 192 19.29 -9.76 0.20
N ASP A 193 20.41 -9.77 -0.50
CA ASP A 193 21.39 -8.69 -0.38
C ASP A 193 21.60 -8.12 1.04
N GLY A 194 21.88 -9.04 1.98
CA GLY A 194 22.57 -8.67 3.20
C GLY A 194 21.84 -8.58 4.52
N PHE A 195 20.51 -8.72 4.48
CA PHE A 195 19.69 -8.62 5.72
C PHE A 195 18.40 -9.42 5.59
N ASP A 196 17.83 -9.77 6.73
CA ASP A 196 16.63 -10.56 6.80
C ASP A 196 15.41 -9.65 6.89
N TYR A 197 14.37 -10.05 6.15
CA TYR A 197 13.08 -9.45 6.28
C TYR A 197 12.04 -10.53 6.38
N GLU A 198 10.85 -10.12 6.82
CA GLU A 198 9.71 -11.05 6.67
C GLU A 198 8.37 -10.33 6.46
N PHE A 199 7.41 -11.11 5.97
CA PHE A 199 6.08 -10.61 5.60
C PHE A 199 5.14 -10.80 6.73
N GLU A 200 4.43 -9.75 7.12
CA GLU A 200 3.45 -9.83 8.19
C GLU A 200 2.17 -9.18 7.71
N MET A 201 1.08 -9.57 8.35
CA MET A 201 -0.20 -8.94 8.13
C MET A 201 -0.85 -8.59 9.47
N TRP A 202 -1.23 -7.32 9.62
CA TRP A 202 -1.70 -6.74 10.89
C TRP A 202 -3.11 -6.19 10.69
N THR A 203 -3.98 -6.32 11.68
CA THR A 203 -5.35 -5.82 11.49
C THR A 203 -5.84 -5.10 12.71
N ARG A 204 -6.84 -4.26 12.49
CA ARG A 204 -7.57 -3.68 13.58
C ARG A 204 -9.04 -3.70 13.27
N ASP A 205 -9.82 -3.70 14.34
CA ASP A 205 -11.29 -3.70 14.18
C ASP A 205 -11.79 -2.29 13.80
N LEU A 206 -12.55 -2.17 12.71
CA LEU A 206 -13.21 -0.89 12.42
C LEU A 206 -14.17 -0.41 13.58
N1 D2J B . 5.35 -1.59 0.10
C2 D2J B . 6.31 -2.55 0.04
N3 D2J B . 7.23 -2.53 -0.92
C4 D2J B . 7.22 -1.58 -1.84
C5 D2J B . 6.21 -0.59 -1.84
C6 D2J B . 5.25 -0.63 -0.79
CAA D2J B . 9.62 4.35 -3.33
CAB D2J B . 5.23 1.51 -2.99
NAC D2J B . 6.35 -3.52 0.95
NAD D2J B . 4.26 0.26 -0.65
OAE D2J B . 4.61 -3.03 -8.82
OAF D2J B . 4.86 -3.04 -11.02
CAG D2J B . 11.11 2.06 -6.45
CAH D2J B . 10.60 2.88 -5.46
CAI D2J B . 8.19 -0.70 -3.75
CAJ D2J B . 9.07 0.77 -6.50
CAK D2J B . 7.99 -1.29 -9.75
CAL D2J B . 9.26 -1.38 -8.91
CAM D2J B . 7.77 -2.63 -10.41
CAN D2J B . 10.00 -0.05 -9.04
CAO D2J B . 6.79 -3.44 -9.57
CAP D2J B . 7.20 1.38 -4.97
NAQ D2J B . 8.19 -1.60 -2.77
OAT D2J B . 8.71 3.40 -3.99
OAU D2J B . 10.93 0.25 -7.95
CAV D2J B . 5.29 -3.11 -9.83
CAY D2J B . 6.23 0.38 -2.85
CAZ D2J B . 10.36 1.02 -6.98
CBA D2J B . 7.22 0.33 -3.83
CBB D2J B . 8.57 1.61 -5.51
CBC D2J B . 9.31 2.64 -4.99
PA NDP C . 4.39 11.11 0.03
O1A NDP C . 4.70 10.01 -0.95
O2A NDP C . 3.29 10.94 1.06
O5B NDP C . 4.05 12.38 -0.86
C5B NDP C . 3.91 13.63 -0.11
C4B NDP C . 3.02 14.48 -0.91
O4B NDP C . 1.85 13.65 -1.33
C3B NDP C . 2.42 15.76 -0.28
O3B NDP C . 3.45 16.77 -0.23
C2B NDP C . 1.60 15.82 -1.55
O2B NDP C . 0.89 16.96 -1.83
C1B NDP C . 0.74 14.55 -1.33
N9A NDP C . -0.05 14.18 -0.07
C8A NDP C . 0.29 13.18 0.79
N7A NDP C . -0.64 13.06 1.74
C5A NDP C . -1.58 13.95 1.51
C6A NDP C . -2.78 14.29 2.18
N6A NDP C . -3.20 13.67 3.31
N1A NDP C . -3.53 15.27 1.64
C2A NDP C . -3.16 15.92 0.54
N3A NDP C . -2.05 15.62 -0.11
C4A NDP C . -1.22 14.66 0.36
O3 NDP C . 5.74 11.75 0.65
PN NDP C . 6.64 11.46 1.93
O1N NDP C . 5.82 11.78 3.14
O2N NDP C . 7.82 12.30 1.63
O5D NDP C . 7.10 9.96 1.81
C5D NDP C . 7.86 9.63 0.62
C4D NDP C . 9.02 8.70 1.05
O4D NDP C . 8.40 7.40 1.52
C3D NDP C . 9.99 8.38 -0.14
O3D NDP C . 11.33 8.17 0.35
C2D NDP C . 9.51 7.04 -0.63
O2D NDP C . 10.61 6.32 -1.27
C1D NDP C . 9.04 6.38 0.70
N1N NDP C . 8.14 5.21 0.45
C2N NDP C . 8.45 4.03 1.16
C3N NDP C . 7.71 2.88 0.97
C7N NDP C . 8.06 1.60 1.72
O7N NDP C . 7.21 0.70 1.79
N7N NDP C . 9.31 1.54 2.22
C4N NDP C . 6.64 2.93 0.09
C5N NDP C . 6.34 4.10 -0.58
C6N NDP C . 7.06 5.28 -0.41
P2B NDP C . 1.51 18.13 -2.79
O1X NDP C . 1.20 17.91 -4.31
O2X NDP C . 3.11 17.97 -2.66
O3X NDP C . 0.98 19.39 -2.18
#